data_5A5Z
#
_entry.id   5A5Z
#
_cell.length_a   108.047
_cell.length_b   108.047
_cell.length_c   92.571
_cell.angle_alpha   90.00
_cell.angle_beta   90.00
_cell.angle_gamma   90.00
#
_symmetry.space_group_name_H-M   'P 41 21 2'
#
loop_
_entity.id
_entity.type
_entity.pdbx_description
1 polymer 'BETA-LACTAMASE NDM-1'
2 non-polymer 'ZINC ION'
3 non-polymer TIOPRONIN
4 water water
#
_entity_poly.entity_id   1
_entity_poly.type   'polypeptide(L)'
_entity_poly.pdbx_seq_one_letter_code
;MGEIRPTIGQQMETGDQRFGDLVFRQLAPNVWQHTSYLDMPGFGAVASNGLIVRDGGRVLVVDTAWTDDQTAQILNWIKQ
EINLPVALAVVTHAHQDKMGGMDALHAAGIATYANALSNQLAPQEGMVAAQHSLTFAANGWVEPATAPNFGPLKVFYPGP
GHTSDNITVGIDGTDIAFGGCLIKDSKAKSLGNLGDADTEHYAASARAFGAAFPKASMIVMSHSAPDSRAAITHTARMAD
KLRLEHHHHHH
;
_entity_poly.pdbx_strand_id   A,C
#
loop_
_chem_comp.id
_chem_comp.type
_chem_comp.name
_chem_comp.formula
WJZ non-polymer TIOPRONIN 'C5 H9 N O3 S'
ZN non-polymer 'ZINC ION' 'Zn 2'
#
# COMPACT_ATOMS: atom_id res chain seq x y z
N GLN A 10 -3.52 -12.09 38.45
CA GLN A 10 -4.60 -12.98 38.84
C GLN A 10 -4.72 -14.08 37.79
N GLN A 11 -4.41 -15.31 38.19
CA GLN A 11 -4.49 -16.44 37.26
C GLN A 11 -5.92 -16.93 37.12
N MET A 12 -6.23 -17.46 35.94
CA MET A 12 -7.57 -17.94 35.66
C MET A 12 -7.51 -19.41 35.21
N GLU A 13 -8.68 -19.97 34.87
CA GLU A 13 -8.83 -21.30 34.30
C GLU A 13 -7.78 -21.64 33.24
N THR A 14 -7.85 -20.94 32.12
CA THR A 14 -7.09 -21.33 30.94
C THR A 14 -5.61 -20.98 31.01
N GLY A 15 -5.13 -20.63 32.21
CA GLY A 15 -3.71 -20.32 32.40
C GLY A 15 -3.39 -18.89 32.03
N ASP A 16 -4.42 -18.07 31.85
CA ASP A 16 -4.22 -16.67 31.52
C ASP A 16 -4.15 -15.81 32.76
N GLN A 17 -3.07 -15.05 32.91
CA GLN A 17 -2.94 -14.11 34.01
C GLN A 17 -3.64 -12.80 33.68
N ARG A 18 -4.59 -12.39 34.53
CA ARG A 18 -5.26 -11.13 34.30
C ARG A 18 -4.65 -10.06 35.21
N PHE A 19 -4.34 -8.93 34.59
CA PHE A 19 -3.61 -7.84 35.24
C PHE A 19 -4.38 -6.55 35.05
N GLY A 20 -5.26 -6.25 36.02
CA GLY A 20 -6.12 -5.09 35.89
C GLY A 20 -7.20 -5.35 34.85
N ASP A 21 -7.32 -4.52 33.82
CA ASP A 21 -8.28 -4.82 32.78
C ASP A 21 -7.63 -5.55 31.63
N LEU A 22 -6.39 -5.94 31.80
CA LEU A 22 -5.69 -6.67 30.77
C LEU A 22 -5.48 -8.13 31.12
N VAL A 23 -5.23 -8.95 30.10
CA VAL A 23 -4.96 -10.37 30.28
C VAL A 23 -3.66 -10.76 29.57
N PHE A 24 -2.80 -11.49 30.26
CA PHE A 24 -1.51 -11.88 29.71
C PHE A 24 -1.35 -13.40 29.68
N ARG A 25 -0.95 -13.93 28.53
CA ARG A 25 -0.68 -15.35 28.39
C ARG A 25 0.72 -15.57 27.82
N GLN A 26 1.47 -16.50 28.38
CA GLN A 26 2.80 -16.82 27.88
C GLN A 26 2.72 -17.92 26.83
N LEU A 27 3.39 -17.69 25.70
CA LEU A 27 3.33 -18.60 24.56
C LEU A 27 4.63 -19.39 24.42
N ALA A 28 5.72 -18.79 24.85
CA ALA A 28 7.05 -19.37 24.75
C ALA A 28 7.92 -18.79 25.86
N PRO A 29 9.08 -19.41 26.15
CA PRO A 29 9.98 -18.88 27.19
C PRO A 29 10.22 -17.36 27.14
N ASN A 30 10.24 -16.78 25.95
CA ASN A 30 10.49 -15.35 25.81
C ASN A 30 9.42 -14.60 25.05
N VAL A 31 8.23 -15.18 24.92
CA VAL A 31 7.14 -14.56 24.19
C VAL A 31 5.81 -14.60 24.95
N TRP A 32 5.23 -13.43 25.16
CA TRP A 32 3.92 -13.33 25.79
C TRP A 32 2.90 -12.66 24.87
N GLN A 33 1.63 -12.98 25.05
CA GLN A 33 0.55 -12.31 24.33
C GLN A 33 -0.22 -11.40 25.27
N HIS A 34 -0.30 -10.12 24.94
CA HIS A 34 -1.07 -9.19 25.76
C HIS A 34 -2.44 -8.96 25.15
N THR A 35 -3.46 -8.99 26.00
CA THR A 35 -4.84 -8.84 25.56
C THR A 35 -5.55 -7.70 26.28
N SER A 36 -6.13 -6.79 25.51
CA SER A 36 -6.90 -5.69 26.08
C SER A 36 -8.32 -5.70 25.51
N TYR A 37 -9.23 -5.04 26.21
CA TYR A 37 -10.64 -5.06 25.83
C TYR A 37 -11.23 -3.66 25.66
N LEU A 38 -12.03 -3.49 24.63
CA LEU A 38 -12.78 -2.24 24.45
C LEU A 38 -14.26 -2.53 24.23
N ASP A 39 -15.10 -1.95 25.08
CA ASP A 39 -16.54 -2.03 24.90
C ASP A 39 -16.91 -1.25 23.63
N MET A 40 -17.12 -1.99 22.54
CA MET A 40 -17.20 -1.37 21.21
C MET A 40 -18.62 -1.00 20.79
N PRO A 41 -18.78 0.25 20.32
CA PRO A 41 -20.03 0.79 19.77
C PRO A 41 -20.14 0.57 18.26
N GLY A 42 -21.14 -0.20 17.81
CA GLY A 42 -22.06 -0.89 18.68
C GLY A 42 -21.91 -2.39 18.50
N PHE A 43 -21.41 -3.07 19.52
CA PHE A 43 -21.08 -4.48 19.42
C PHE A 43 -20.99 -5.12 20.80
N GLY A 44 -20.03 -4.67 21.59
CA GLY A 44 -19.76 -5.26 22.89
C GLY A 44 -18.29 -5.17 23.24
N ALA A 45 -17.83 -6.04 24.13
CA ALA A 45 -16.45 -6.02 24.58
C ALA A 45 -15.55 -6.84 23.65
N VAL A 46 -14.85 -6.17 22.75
CA VAL A 46 -14.00 -6.82 21.77
C VAL A 46 -12.55 -6.92 22.23
N ALA A 47 -12.00 -8.12 22.18
CA ALA A 47 -10.62 -8.36 22.60
C ALA A 47 -9.63 -8.11 21.47
N SER A 48 -8.44 -7.61 21.81
CA SER A 48 -7.39 -7.39 20.83
C SER A 48 -6.06 -7.91 21.37
N ASN A 49 -5.30 -8.59 20.52
CA ASN A 49 -4.06 -9.23 20.96
C ASN A 49 -2.80 -8.62 20.37
N GLY A 50 -1.75 -8.57 21.16
CA GLY A 50 -0.45 -8.14 20.70
C GLY A 50 0.61 -9.03 21.32
N LEU A 51 1.87 -8.78 21.03
CA LEU A 51 2.94 -9.64 21.54
C LEU A 51 3.99 -8.87 22.35
N ILE A 52 4.56 -9.56 23.32
CA ILE A 52 5.69 -9.04 24.09
C ILE A 52 6.84 -10.03 23.98
N VAL A 53 7.99 -9.55 23.52
CA VAL A 53 9.13 -10.43 23.27
C VAL A 53 10.37 -10.02 24.08
N ARG A 54 10.88 -10.94 24.89
CA ARG A 54 12.11 -10.71 25.62
C ARG A 54 13.31 -11.15 24.79
N ASP A 55 14.13 -10.17 24.39
CA ASP A 55 15.29 -10.44 23.56
C ASP A 55 16.57 -10.00 24.28
N GLY A 56 17.10 -10.89 25.11
CA GLY A 56 18.28 -10.56 25.89
C GLY A 56 17.98 -9.60 27.02
N GLY A 57 18.63 -8.44 27.00
CA GLY A 57 18.45 -7.45 28.04
C GLY A 57 17.45 -6.37 27.67
N ARG A 58 16.61 -6.66 26.70
CA ARG A 58 15.61 -5.70 26.24
C ARG A 58 14.29 -6.40 25.89
N VAL A 59 13.22 -5.62 25.80
CA VAL A 59 11.90 -6.15 25.46
C VAL A 59 11.36 -5.50 24.18
N LEU A 60 10.78 -6.31 23.31
CA LEU A 60 10.16 -5.81 22.09
C LEU A 60 8.65 -5.98 22.15
N VAL A 61 7.91 -4.98 21.71
CA VAL A 61 6.44 -5.02 21.76
C VAL A 61 5.82 -4.97 20.37
N VAL A 62 4.82 -5.80 20.14
CA VAL A 62 4.08 -5.79 18.88
C VAL A 62 2.65 -5.34 19.14
N ASP A 63 2.28 -4.20 18.55
CA ASP A 63 0.94 -3.63 18.70
C ASP A 63 0.64 -3.10 20.10
N THR A 64 -0.01 -1.94 20.18
CA THR A 64 -0.43 -1.40 21.47
C THR A 64 -1.77 -2.00 21.87
N ALA A 65 -2.41 -1.36 22.84
CA ALA A 65 -3.77 -1.74 23.22
C ALA A 65 -4.76 -0.75 22.61
N TRP A 66 -6.03 -0.86 22.98
CA TRP A 66 -7.04 0.05 22.47
C TRP A 66 -6.78 1.49 22.89
N THR A 67 -6.32 1.67 24.13
CA THR A 67 -6.16 3.01 24.70
C THR A 67 -4.77 3.26 25.27
N ASP A 68 -4.48 4.53 25.56
CA ASP A 68 -3.22 4.92 26.17
C ASP A 68 -3.05 4.32 27.56
N ASP A 69 -4.12 4.34 28.34
CA ASP A 69 -4.09 3.81 29.70
C ASP A 69 -3.82 2.32 29.73
N GLN A 70 -4.42 1.60 28.79
CA GLN A 70 -4.21 0.15 28.69
C GLN A 70 -2.80 -0.17 28.24
N THR A 71 -2.27 0.64 27.33
CA THR A 71 -0.89 0.46 26.86
C THR A 71 0.08 0.76 28.00
N ALA A 72 -0.26 1.76 28.80
CA ALA A 72 0.55 2.09 29.97
C ALA A 72 0.51 0.95 30.98
N GLN A 73 -0.62 0.24 31.02
CA GLN A 73 -0.76 -0.92 31.87
C GLN A 73 0.13 -2.07 31.38
N ILE A 74 0.28 -2.19 30.07
CA ILE A 74 1.19 -3.17 29.48
C ILE A 74 2.62 -2.87 29.92
N LEU A 75 2.99 -1.60 29.88
CA LEU A 75 4.33 -1.16 30.26
C LEU A 75 4.60 -1.45 31.73
N ASN A 76 3.59 -1.26 32.57
CA ASN A 76 3.71 -1.56 33.99
C ASN A 76 3.93 -3.05 34.22
N TRP A 77 3.19 -3.87 33.47
CA TRP A 77 3.32 -5.32 33.58
C TRP A 77 4.72 -5.79 33.23
N ILE A 78 5.27 -5.25 32.14
CA ILE A 78 6.62 -5.56 31.70
C ILE A 78 7.63 -5.17 32.77
N LYS A 79 7.47 -3.97 33.32
CA LYS A 79 8.32 -3.47 34.39
C LYS A 79 8.24 -4.36 35.63
N GLN A 80 7.06 -4.90 35.88
CA GLN A 80 6.80 -5.68 37.10
C GLN A 80 7.16 -7.15 36.95
N GLU A 81 6.90 -7.71 35.78
CA GLU A 81 7.09 -9.15 35.55
C GLU A 81 8.42 -9.48 34.90
N ILE A 82 8.85 -8.65 33.97
CA ILE A 82 10.08 -8.90 33.22
C ILE A 82 11.23 -8.03 33.73
N ASN A 83 10.92 -6.77 34.02
CA ASN A 83 11.91 -5.80 34.50
C ASN A 83 13.06 -5.60 33.52
N LEU A 84 12.72 -5.16 32.31
CA LEU A 84 13.70 -4.85 31.28
C LEU A 84 13.22 -3.68 30.45
N PRO A 85 14.14 -2.83 30.00
CA PRO A 85 13.76 -1.66 29.19
C PRO A 85 13.19 -2.08 27.84
N VAL A 86 12.10 -1.43 27.43
CA VAL A 86 11.49 -1.72 26.13
C VAL A 86 12.23 -0.98 25.04
N ALA A 87 12.86 -1.72 24.14
CA ALA A 87 13.68 -1.14 23.09
C ALA A 87 12.85 -0.48 21.99
N LEU A 88 11.88 -1.23 21.48
CA LEU A 88 11.08 -0.74 20.36
C LEU A 88 9.69 -1.36 20.33
N ALA A 89 8.80 -0.74 19.57
CA ALA A 89 7.48 -1.28 19.34
C ALA A 89 7.13 -1.23 17.85
N VAL A 90 6.47 -2.27 17.37
CA VAL A 90 6.01 -2.29 15.98
C VAL A 90 4.51 -2.52 15.93
N VAL A 91 3.80 -1.63 15.26
CA VAL A 91 2.36 -1.76 15.14
C VAL A 91 1.99 -2.22 13.73
N THR A 92 1.05 -3.15 13.65
CA THR A 92 0.84 -3.92 12.41
C THR A 92 -0.08 -3.26 11.39
N HIS A 93 -1.02 -2.44 11.84
CA HIS A 93 -1.77 -1.57 10.91
C HIS A 93 -2.48 -0.43 11.65
N ALA A 94 -3.03 0.51 10.89
CA ALA A 94 -3.52 1.77 11.45
C ALA A 94 -4.99 1.71 11.90
N HIS A 95 -5.29 0.81 12.81
CA HIS A 95 -6.60 0.81 13.47
C HIS A 95 -6.39 0.97 14.98
N GLN A 96 -7.46 1.28 15.71
CA GLN A 96 -7.34 1.63 17.13
C GLN A 96 -6.82 0.48 17.98
N ASP A 97 -7.22 -0.75 17.64
CA ASP A 97 -6.81 -1.92 18.41
C ASP A 97 -5.31 -2.17 18.30
N LYS A 98 -4.66 -1.52 17.34
CA LYS A 98 -3.24 -1.74 17.10
C LYS A 98 -2.40 -0.49 17.38
N MET A 99 -2.98 0.68 17.17
CA MET A 99 -2.24 1.93 17.34
C MET A 99 -2.90 2.91 18.30
N GLY A 100 -3.86 2.43 19.08
CA GLY A 100 -4.61 3.30 19.97
C GLY A 100 -3.84 3.85 21.15
N GLY A 101 -2.64 3.33 21.37
CA GLY A 101 -1.86 3.75 22.53
C GLY A 101 -0.46 4.23 22.21
N MET A 102 -0.30 4.90 21.06
CA MET A 102 1.00 5.39 20.62
C MET A 102 1.58 6.43 21.57
N ASP A 103 0.73 7.35 22.03
CA ASP A 103 1.15 8.41 22.94
C ASP A 103 1.73 7.84 24.23
N ALA A 104 1.21 6.70 24.67
CA ALA A 104 1.71 6.05 25.87
C ALA A 104 3.13 5.52 25.67
N LEU A 105 3.39 5.00 24.47
CA LEU A 105 4.72 4.52 24.12
C LEU A 105 5.71 5.67 24.01
N HIS A 106 5.29 6.74 23.34
CA HIS A 106 6.14 7.89 23.11
C HIS A 106 6.44 8.64 24.40
N ALA A 107 5.48 8.66 25.32
CA ALA A 107 5.69 9.27 26.62
C ALA A 107 6.67 8.43 27.44
N ALA A 108 6.76 7.15 27.11
CA ALA A 108 7.67 6.24 27.78
C ALA A 108 9.04 6.22 27.11
N GLY A 109 9.16 6.98 26.03
CA GLY A 109 10.42 7.07 25.31
C GLY A 109 10.71 5.86 24.45
N ILE A 110 9.65 5.12 24.11
CA ILE A 110 9.80 3.92 23.28
C ILE A 110 9.75 4.27 21.79
N ALA A 111 10.79 3.89 21.06
CA ALA A 111 10.85 4.08 19.62
C ALA A 111 9.83 3.19 18.93
N THR A 112 8.97 3.79 18.11
CA THR A 112 7.88 3.06 17.49
C THR A 112 8.04 2.94 15.98
N TYR A 113 7.67 1.78 15.45
CA TYR A 113 7.83 1.50 14.04
C TYR A 113 6.52 1.05 13.40
N ALA A 114 6.33 1.41 12.13
CA ALA A 114 5.13 1.03 11.41
C ALA A 114 5.36 1.06 9.91
N ASN A 115 4.51 0.36 9.17
CA ASN A 115 4.49 0.45 7.72
C ASN A 115 4.32 1.90 7.31
N ALA A 116 5.11 2.34 6.31
CA ALA A 116 5.08 3.73 5.86
C ALA A 116 3.67 4.14 5.43
N LEU A 117 2.91 3.18 4.91
CA LEU A 117 1.53 3.41 4.53
C LEU A 117 0.65 3.58 5.77
N SER A 118 0.96 2.82 6.83
CA SER A 118 0.24 2.93 8.08
C SER A 118 0.43 4.33 8.67
N ASN A 119 1.67 4.80 8.66
CA ASN A 119 1.97 6.15 9.11
C ASN A 119 1.30 7.21 8.26
N GLN A 120 1.13 6.92 6.98
CA GLN A 120 0.48 7.84 6.06
C GLN A 120 -1.03 7.84 6.26
N LEU A 121 -1.58 6.67 6.56
CA LEU A 121 -3.02 6.51 6.72
C LEU A 121 -3.50 6.89 8.12
N ALA A 122 -2.58 6.93 9.08
CA ALA A 122 -2.92 7.12 10.49
C ALA A 122 -3.78 8.36 10.81
N PRO A 123 -3.45 9.53 10.23
CA PRO A 123 -4.32 10.69 10.54
C PRO A 123 -5.77 10.48 10.09
N GLN A 124 -5.96 9.86 8.93
CA GLN A 124 -7.30 9.59 8.41
C GLN A 124 -8.03 8.58 9.29
N GLU A 125 -7.27 7.67 9.90
CA GLU A 125 -7.84 6.63 10.73
C GLU A 125 -7.96 7.07 12.19
N GLY A 126 -7.72 8.36 12.44
CA GLY A 126 -7.83 8.92 13.77
C GLY A 126 -6.72 8.46 14.70
N MET A 127 -5.59 8.08 14.13
CA MET A 127 -4.49 7.54 14.91
C MET A 127 -3.29 8.50 14.98
N VAL A 128 -2.43 8.27 15.95
CA VAL A 128 -1.14 8.94 16.02
C VAL A 128 -0.12 8.08 15.29
N ALA A 129 0.58 8.65 14.33
CA ALA A 129 1.56 7.90 13.55
C ALA A 129 2.73 7.44 14.41
N ALA A 130 3.41 6.39 13.96
CA ALA A 130 4.63 5.94 14.60
C ALA A 130 5.77 6.89 14.24
N GLN A 131 6.89 6.77 14.94
CA GLN A 131 7.99 7.69 14.74
C GLN A 131 8.89 7.30 13.56
N HIS A 132 8.81 6.04 13.15
CA HIS A 132 9.64 5.55 12.05
C HIS A 132 8.84 4.70 11.08
N SER A 133 9.25 4.72 9.81
CA SER A 133 8.51 4.04 8.76
C SER A 133 9.24 2.80 8.23
N LEU A 134 8.53 1.68 8.21
CA LEU A 134 9.04 0.47 7.59
C LEU A 134 8.64 0.43 6.11
N THR A 135 9.60 0.13 5.24
CA THR A 135 9.31 -0.07 3.83
C THR A 135 9.65 -1.51 3.46
N PHE A 136 9.09 -1.99 2.35
CA PHE A 136 9.16 -3.40 2.02
C PHE A 136 9.58 -3.65 0.58
N ALA A 137 10.31 -4.75 0.37
CA ALA A 137 10.72 -5.16 -0.96
C ALA A 137 9.53 -5.71 -1.74
N ALA A 138 9.73 -5.96 -3.03
CA ALA A 138 8.67 -6.45 -3.89
C ALA A 138 8.22 -7.86 -3.50
N ASN A 139 9.08 -8.59 -2.79
CA ASN A 139 8.73 -9.94 -2.35
C ASN A 139 8.07 -9.95 -0.98
N GLY A 140 7.91 -8.77 -0.39
CA GLY A 140 7.15 -8.63 0.84
C GLY A 140 7.97 -8.42 2.10
N TRP A 141 9.25 -8.78 2.05
CA TRP A 141 10.11 -8.65 3.23
C TRP A 141 10.52 -7.20 3.45
N VAL A 142 10.63 -6.82 4.73
CA VAL A 142 10.97 -5.45 5.10
C VAL A 142 12.41 -5.13 4.70
N GLU A 143 12.64 -3.90 4.27
CA GLU A 143 13.98 -3.39 4.06
C GLU A 143 14.71 -3.42 5.40
N PRO A 144 15.77 -4.24 5.51
CA PRO A 144 16.51 -4.40 6.77
C PRO A 144 17.00 -3.08 7.34
N ALA A 145 17.31 -2.13 6.48
CA ALA A 145 17.78 -0.82 6.90
C ALA A 145 16.68 -0.02 7.59
N THR A 146 15.43 -0.40 7.36
CA THR A 146 14.30 0.32 7.93
C THR A 146 13.82 -0.32 9.23
N ALA A 147 14.25 -1.55 9.48
CA ALA A 147 13.90 -2.24 10.72
C ALA A 147 15.16 -2.68 11.48
N PRO A 148 15.91 -1.71 12.02
CA PRO A 148 17.21 -2.00 12.64
C PRO A 148 17.09 -2.63 14.03
N ASN A 149 17.94 -3.62 14.29
CA ASN A 149 18.01 -4.28 15.58
C ASN A 149 16.66 -4.79 16.07
N PHE A 150 15.92 -5.44 15.18
CA PHE A 150 14.61 -5.99 15.52
C PHE A 150 14.74 -7.36 16.20
N GLY A 151 15.98 -7.78 16.40
CA GLY A 151 16.26 -9.06 17.04
C GLY A 151 15.64 -10.23 16.32
N PRO A 152 14.79 -11.00 17.02
CA PRO A 152 14.13 -12.18 16.47
C PRO A 152 12.93 -11.84 15.58
N LEU A 153 12.55 -10.57 15.54
CA LEU A 153 11.39 -10.15 14.77
C LEU A 153 11.65 -10.11 13.27
N LYS A 154 10.88 -10.90 12.52
CA LYS A 154 10.92 -10.84 11.06
C LYS A 154 9.61 -10.27 10.53
N VAL A 155 9.66 -9.05 10.02
CA VAL A 155 8.47 -8.35 9.55
C VAL A 155 8.22 -8.60 8.07
N PHE A 156 6.97 -8.88 7.73
CA PHE A 156 6.61 -9.23 6.36
C PHE A 156 5.29 -8.61 5.93
N TYR A 157 5.32 -7.88 4.82
CA TYR A 157 4.10 -7.32 4.23
C TYR A 157 3.54 -8.27 3.19
N PRO A 158 2.41 -8.92 3.51
CA PRO A 158 1.81 -9.97 2.68
C PRO A 158 1.01 -9.44 1.50
N GLY A 159 0.83 -8.12 1.44
CA GLY A 159 -0.04 -7.51 0.45
C GLY A 159 -1.34 -7.08 1.09
N PRO A 160 -2.18 -6.35 0.34
CA PRO A 160 -3.48 -5.87 0.86
C PRO A 160 -4.42 -7.02 1.27
N GLY A 161 -4.94 -6.95 2.49
CA GLY A 161 -5.81 -7.96 3.06
C GLY A 161 -6.82 -7.32 3.96
N HIS A 162 -6.62 -7.38 5.25
CA HIS A 162 -7.54 -6.74 6.15
C HIS A 162 -7.66 -5.27 5.86
N THR A 163 -6.57 -4.66 5.45
CA THR A 163 -6.43 -3.27 5.12
C THR A 163 -5.38 -3.26 4.03
N SER A 164 -5.09 -2.08 3.48
CA SER A 164 -4.06 -1.98 2.46
C SER A 164 -2.68 -2.07 3.14
N ASP A 165 -2.62 -1.92 4.46
CA ASP A 165 -1.35 -1.78 5.13
C ASP A 165 -0.96 -2.79 6.21
N ASN A 166 -1.76 -3.82 6.46
CA ASN A 166 -1.40 -4.82 7.48
C ASN A 166 -0.07 -5.55 7.20
N ILE A 167 0.83 -5.53 8.18
CA ILE A 167 2.06 -6.25 8.10
C ILE A 167 1.99 -7.36 9.11
N THR A 168 2.85 -8.36 8.96
CA THR A 168 2.89 -9.52 9.85
C THR A 168 4.29 -9.71 10.38
N VAL A 169 4.39 -10.34 11.56
CA VAL A 169 5.67 -10.55 12.21
C VAL A 169 5.89 -12.02 12.60
N GLY A 170 7.08 -12.53 12.31
CA GLY A 170 7.48 -13.84 12.77
C GLY A 170 8.56 -13.71 13.83
N ILE A 171 8.63 -14.69 14.74
CA ILE A 171 9.62 -14.65 15.81
C ILE A 171 10.63 -15.79 15.67
N ASP A 172 11.86 -15.45 15.34
CA ASP A 172 12.93 -16.44 15.22
C ASP A 172 13.15 -17.14 16.55
N GLY A 173 13.51 -18.43 16.50
CA GLY A 173 13.74 -19.20 17.70
C GLY A 173 12.47 -19.88 18.20
N THR A 174 11.33 -19.43 17.70
CA THR A 174 10.05 -20.02 18.06
C THR A 174 9.31 -20.50 16.82
N ASP A 175 8.11 -21.04 17.02
CA ASP A 175 7.24 -21.41 15.92
C ASP A 175 6.02 -20.49 15.90
N ILE A 176 6.24 -19.24 16.29
CA ILE A 176 5.18 -18.26 16.42
C ILE A 176 5.21 -17.21 15.31
N ALA A 177 4.08 -17.05 14.64
CA ALA A 177 3.91 -15.98 13.66
C ALA A 177 2.67 -15.17 14.00
N PHE A 178 2.76 -13.85 13.89
CA PHE A 178 1.64 -12.98 14.22
C PHE A 178 0.95 -12.49 12.95
N GLY A 179 -0.27 -12.96 12.72
CA GLY A 179 -1.01 -12.63 11.52
C GLY A 179 -1.78 -11.33 11.66
N GLY A 180 -1.92 -10.89 12.91
CA GLY A 180 -2.67 -9.69 13.21
C GLY A 180 -4.11 -9.90 12.81
N CYS A 181 -4.68 -8.90 12.15
CA CYS A 181 -6.08 -9.00 11.83
C CYS A 181 -6.27 -9.48 10.40
N LEU A 182 -5.16 -9.88 9.75
CA LEU A 182 -5.23 -10.52 8.45
C LEU A 182 -5.84 -11.90 8.59
N ILE A 183 -5.32 -12.67 9.56
CA ILE A 183 -5.74 -14.04 9.76
C ILE A 183 -6.83 -14.16 10.82
N LYS A 184 -7.88 -14.91 10.49
CA LYS A 184 -8.92 -15.24 11.45
C LYS A 184 -8.79 -16.71 11.85
N ASP A 185 -9.41 -17.09 12.96
CA ASP A 185 -9.27 -18.45 13.47
C ASP A 185 -10.00 -19.45 12.58
N SER A 186 -9.74 -20.74 12.80
CA SER A 186 -10.24 -21.80 11.94
C SER A 186 -11.74 -22.06 12.08
N LYS A 187 -12.38 -21.39 13.04
CA LYS A 187 -13.80 -21.59 13.27
C LYS A 187 -14.60 -20.33 12.93
N ALA A 188 -13.90 -19.30 12.48
CA ALA A 188 -14.54 -18.05 12.06
C ALA A 188 -15.46 -18.29 10.85
N LYS A 189 -16.63 -17.67 10.90
CA LYS A 189 -17.63 -17.84 9.84
C LYS A 189 -17.65 -16.64 8.89
N SER A 190 -16.89 -15.59 9.23
CA SER A 190 -16.74 -14.44 8.34
C SER A 190 -15.32 -13.90 8.44
N LEU A 191 -15.10 -12.72 7.88
CA LEU A 191 -13.78 -12.10 7.92
C LEU A 191 -13.79 -10.81 8.74
N GLY A 192 -14.96 -10.49 9.30
CA GLY A 192 -15.08 -9.36 10.21
C GLY A 192 -15.19 -8.01 9.53
N ASN A 193 -14.49 -7.03 10.09
CA ASN A 193 -14.51 -5.67 9.57
C ASN A 193 -13.90 -5.57 8.18
N LEU A 194 -14.76 -5.50 7.17
CA LEU A 194 -14.30 -5.48 5.78
C LEU A 194 -14.36 -4.07 5.19
N GLY A 195 -14.33 -3.07 6.06
CA GLY A 195 -14.40 -1.68 5.64
C GLY A 195 -13.21 -1.25 4.80
N ASP A 196 -12.00 -1.50 5.31
CA ASP A 196 -10.79 -1.12 4.61
C ASP A 196 -10.17 -2.32 3.88
N ALA A 197 -10.95 -3.38 3.73
CA ALA A 197 -10.44 -4.64 3.19
C ALA A 197 -10.31 -4.66 1.68
N ASP A 198 -9.26 -5.33 1.21
CA ASP A 198 -9.07 -5.59 -0.20
C ASP A 198 -9.56 -6.99 -0.52
N THR A 199 -10.81 -7.08 -0.96
CA THR A 199 -11.45 -8.37 -1.20
C THR A 199 -10.83 -9.12 -2.38
N GLU A 200 -10.14 -8.40 -3.24
CA GLU A 200 -9.55 -8.99 -4.43
C GLU A 200 -8.21 -9.67 -4.15
N HIS A 201 -7.45 -9.12 -3.19
CA HIS A 201 -6.11 -9.61 -2.92
C HIS A 201 -5.96 -10.29 -1.56
N TYR A 202 -7.03 -10.30 -0.77
CA TYR A 202 -6.99 -10.87 0.58
C TYR A 202 -6.46 -12.30 0.57
N ALA A 203 -7.08 -13.15 -0.24
CA ALA A 203 -6.72 -14.56 -0.31
C ALA A 203 -5.23 -14.74 -0.62
N ALA A 204 -4.74 -13.99 -1.60
CA ALA A 204 -3.34 -14.05 -1.98
C ALA A 204 -2.45 -13.62 -0.81
N SER A 205 -2.88 -12.58 -0.10
CA SER A 205 -2.15 -12.06 1.04
C SER A 205 -2.06 -13.10 2.17
N ALA A 206 -3.17 -13.78 2.41
CA ALA A 206 -3.24 -14.81 3.45
C ALA A 206 -2.26 -15.95 3.18
N ARG A 207 -2.26 -16.43 1.94
CA ARG A 207 -1.37 -17.52 1.54
C ARG A 207 0.09 -17.07 1.52
N ALA A 208 0.31 -15.82 1.16
CA ALA A 208 1.66 -15.25 1.14
C ALA A 208 2.24 -15.23 2.56
N PHE A 209 1.38 -14.92 3.53
CA PHE A 209 1.78 -14.91 4.93
C PHE A 209 2.24 -16.29 5.40
N GLY A 210 1.45 -17.30 5.07
CA GLY A 210 1.78 -18.67 5.41
C GLY A 210 3.07 -19.12 4.77
N ALA A 211 3.32 -18.66 3.54
CA ALA A 211 4.52 -19.03 2.81
C ALA A 211 5.75 -18.31 3.36
N ALA A 212 5.53 -17.14 3.93
CA ALA A 212 6.62 -16.34 4.50
C ALA A 212 7.17 -16.99 5.75
N PHE A 213 6.28 -17.59 6.54
CA PHE A 213 6.69 -18.28 7.76
C PHE A 213 6.19 -19.72 7.75
N PRO A 214 6.78 -20.57 6.90
CA PRO A 214 6.28 -21.94 6.68
C PRO A 214 6.44 -22.84 7.90
N LYS A 215 7.39 -22.54 8.78
CA LYS A 215 7.67 -23.40 9.92
C LYS A 215 7.01 -22.89 11.21
N ALA A 216 6.08 -21.96 11.06
CA ALA A 216 5.33 -21.47 12.20
C ALA A 216 4.08 -22.33 12.41
N SER A 217 3.99 -22.94 13.58
CA SER A 217 2.87 -23.84 13.89
C SER A 217 1.84 -23.16 14.79
N MET A 218 2.25 -22.11 15.48
CA MET A 218 1.32 -21.32 16.29
C MET A 218 1.09 -19.95 15.66
N ILE A 219 -0.12 -19.74 15.15
CA ILE A 219 -0.48 -18.47 14.53
C ILE A 219 -1.24 -17.59 15.52
N VAL A 220 -0.61 -16.49 15.92
CA VAL A 220 -1.25 -15.54 16.82
C VAL A 220 -1.99 -14.49 16.01
N MET A 221 -3.26 -14.27 16.35
CA MET A 221 -4.08 -13.28 15.65
C MET A 221 -4.68 -12.28 16.62
N SER A 222 -5.33 -11.25 16.09
CA SER A 222 -5.77 -10.12 16.89
C SER A 222 -6.93 -10.43 17.83
N HIS A 223 -7.90 -11.21 17.38
CA HIS A 223 -9.17 -11.31 18.08
C HIS A 223 -9.56 -12.72 18.52
N SER A 224 -8.70 -13.69 18.27
CA SER A 224 -8.93 -15.05 18.74
C SER A 224 -7.71 -15.58 19.46
N ALA A 225 -7.90 -16.64 20.24
CA ALA A 225 -6.78 -17.33 20.85
C ALA A 225 -5.89 -17.90 19.76
N PRO A 226 -4.57 -18.04 20.04
CA PRO A 226 -3.63 -18.58 19.05
C PRO A 226 -4.11 -19.90 18.44
N ASP A 227 -3.94 -20.03 17.12
CA ASP A 227 -4.45 -21.20 16.41
C ASP A 227 -3.32 -21.89 15.66
N SER A 228 -3.67 -22.92 14.89
CA SER A 228 -2.70 -23.60 14.04
C SER A 228 -2.70 -23.00 12.64
N ARG A 229 -1.97 -23.63 11.72
CA ARG A 229 -1.90 -23.16 10.34
C ARG A 229 -3.23 -23.35 9.63
N ALA A 230 -4.13 -24.10 10.28
CA ALA A 230 -5.48 -24.29 9.77
C ALA A 230 -6.22 -22.97 9.66
N ALA A 231 -5.82 -22.01 10.50
CA ALA A 231 -6.40 -20.68 10.47
C ALA A 231 -6.05 -19.95 9.19
N ILE A 232 -4.83 -20.16 8.70
CA ILE A 232 -4.36 -19.52 7.48
C ILE A 232 -5.11 -20.01 6.26
N THR A 233 -5.19 -21.34 6.11
CA THR A 233 -5.87 -21.93 4.96
C THR A 233 -7.38 -21.67 5.02
N HIS A 234 -7.92 -21.62 6.23
CA HIS A 234 -9.34 -21.34 6.40
C HIS A 234 -9.66 -19.89 6.04
N THR A 235 -8.76 -18.98 6.42
CA THR A 235 -8.92 -17.57 6.11
C THR A 235 -8.89 -17.33 4.61
N ALA A 236 -7.84 -17.86 3.96
CA ALA A 236 -7.68 -17.73 2.52
C ALA A 236 -8.86 -18.34 1.78
N ARG A 237 -9.39 -19.44 2.30
CA ARG A 237 -10.53 -20.11 1.70
C ARG A 237 -11.78 -19.22 1.79
N MET A 238 -11.95 -18.58 2.94
CA MET A 238 -13.06 -17.65 3.13
C MET A 238 -12.89 -16.42 2.26
N ALA A 239 -11.66 -15.97 2.11
CA ALA A 239 -11.35 -14.80 1.29
C ALA A 239 -11.64 -15.09 -0.18
N ASP A 240 -11.47 -16.35 -0.58
CA ASP A 240 -11.77 -16.77 -1.94
C ASP A 240 -13.27 -16.71 -2.21
N LYS A 241 -14.06 -17.21 -1.27
CA LYS A 241 -15.51 -17.19 -1.38
C LYS A 241 -16.03 -15.78 -1.54
N LEU A 242 -15.46 -14.85 -0.78
CA LEU A 242 -15.84 -13.45 -0.83
C LEU A 242 -15.51 -12.83 -2.19
N ARG A 243 -14.29 -13.11 -2.67
CA ARG A 243 -13.82 -12.57 -3.94
C ARG A 243 -14.63 -13.10 -5.12
N LEU A 244 -15.11 -14.33 -5.02
CA LEU A 244 -15.90 -14.95 -6.09
C LEU A 244 -17.37 -14.57 -6.01
N GLU A 245 -17.67 -13.61 -5.14
CA GLU A 245 -19.03 -13.12 -4.94
C GLU A 245 -19.98 -14.25 -4.54
N GLN B 10 -0.51 11.74 -39.00
CA GLN B 10 -1.72 12.39 -39.51
C GLN B 10 -2.32 13.30 -38.46
N GLN B 11 -2.18 14.61 -38.63
CA GLN B 11 -2.76 15.52 -37.66
C GLN B 11 -4.27 15.54 -37.82
N MET B 12 -4.97 15.31 -36.73
CA MET B 12 -6.42 15.24 -36.74
C MET B 12 -7.03 16.61 -36.46
N GLU B 13 -8.34 16.64 -36.28
CA GLU B 13 -9.05 17.88 -35.99
C GLU B 13 -8.92 18.27 -34.51
N THR B 14 -8.73 17.25 -33.67
CA THR B 14 -8.69 17.44 -32.22
C THR B 14 -7.44 18.19 -31.76
N GLY B 15 -6.53 18.46 -32.68
CA GLY B 15 -5.27 19.08 -32.33
C GLY B 15 -4.27 18.02 -31.94
N ASP B 16 -4.47 16.82 -32.47
CA ASP B 16 -3.60 15.70 -32.19
C ASP B 16 -2.90 15.25 -33.47
N GLN B 17 -1.99 14.29 -33.32
CA GLN B 17 -1.31 13.66 -34.46
C GLN B 17 -1.30 12.17 -34.18
N ARG B 18 -1.78 11.37 -35.14
CA ARG B 18 -2.03 9.96 -34.83
C ARG B 18 -0.73 9.13 -34.78
N PHE B 19 -0.15 8.84 -35.94
CA PHE B 19 1.03 7.99 -36.01
C PHE B 19 0.69 6.55 -35.62
N GLY B 20 0.40 5.73 -36.63
CA GLY B 20 0.02 4.35 -36.40
C GLY B 20 -1.40 4.23 -35.88
N ASP B 21 -1.59 3.43 -34.84
CA ASP B 21 -2.90 3.29 -34.20
C ASP B 21 -2.91 4.01 -32.86
N LEU B 22 -1.86 4.79 -32.62
CA LEU B 22 -1.74 5.56 -31.40
C LEU B 22 -2.12 7.01 -31.65
N VAL B 23 -2.12 7.83 -30.60
CA VAL B 23 -2.34 9.26 -30.74
C VAL B 23 -1.38 10.03 -29.83
N PHE B 24 -0.74 11.05 -30.39
CA PHE B 24 0.22 11.85 -29.62
C PHE B 24 -0.20 13.32 -29.59
N ARG B 25 0.13 13.98 -28.48
CA ARG B 25 -0.33 15.34 -28.24
C ARG B 25 0.64 16.10 -27.34
N GLN B 26 1.17 17.21 -27.84
CA GLN B 26 2.12 18.01 -27.08
C GLN B 26 1.41 18.92 -26.07
N LEU B 27 1.87 18.89 -24.83
CA LEU B 27 1.25 19.67 -23.75
C LEU B 27 2.19 20.79 -23.30
N ALA B 28 3.47 20.64 -23.63
CA ALA B 28 4.51 21.56 -23.20
C ALA B 28 5.69 21.41 -24.15
N PRO B 29 6.61 22.39 -24.20
CA PRO B 29 7.78 22.29 -25.07
C PRO B 29 8.53 20.96 -24.98
N ASN B 30 8.52 20.33 -23.82
CA ASN B 30 9.21 19.06 -23.63
C ASN B 30 8.32 17.94 -23.10
N VAL B 31 6.99 18.13 -23.20
CA VAL B 31 6.05 17.13 -22.69
C VAL B 31 5.02 16.74 -23.73
N TRP B 32 4.86 15.44 -23.94
CA TRP B 32 3.86 14.90 -24.86
C TRP B 32 2.98 13.87 -24.16
N GLN B 33 1.72 13.80 -24.57
CA GLN B 33 0.81 12.77 -24.09
C GLN B 33 0.62 11.71 -25.16
N HIS B 34 0.81 10.45 -24.79
CA HIS B 34 0.58 9.35 -25.73
C HIS B 34 -0.68 8.58 -25.34
N THR B 35 -1.46 8.20 -26.36
CA THR B 35 -2.73 7.52 -26.12
C THR B 35 -2.86 6.24 -26.94
N SER B 36 -3.20 5.15 -26.26
CA SER B 36 -3.44 3.88 -26.93
C SER B 36 -4.87 3.42 -26.70
N TYR B 37 -5.35 2.53 -27.57
CA TYR B 37 -6.72 2.04 -27.50
C TYR B 37 -6.72 0.52 -27.48
N LEU B 38 -7.73 -0.08 -26.84
CA LEU B 38 -7.74 -1.53 -26.64
C LEU B 38 -8.93 -2.27 -27.24
N ASP B 39 -10.13 -1.73 -27.03
CA ASP B 39 -11.41 -2.37 -27.34
C ASP B 39 -11.69 -3.52 -26.37
N MET B 40 -12.44 -3.20 -25.31
CA MET B 40 -12.78 -4.15 -24.26
C MET B 40 -14.24 -4.57 -24.40
N PRO B 41 -14.68 -5.52 -23.57
CA PRO B 41 -16.05 -6.01 -23.61
C PRO B 41 -17.01 -5.12 -22.83
N GLY B 42 -18.10 -4.67 -23.45
CA GLY B 42 -18.41 -4.99 -24.83
C GLY B 42 -19.18 -3.87 -25.52
N PHE B 43 -18.51 -2.75 -25.73
CA PHE B 43 -19.14 -1.61 -26.39
C PHE B 43 -18.18 -0.45 -26.58
N GLY B 44 -16.93 -0.60 -26.14
CA GLY B 44 -15.95 0.46 -26.28
C GLY B 44 -14.49 0.13 -26.50
N ALA B 45 -13.86 0.92 -27.37
CA ALA B 45 -12.40 0.98 -27.50
C ALA B 45 -11.87 2.01 -26.52
N VAL B 46 -11.29 1.54 -25.42
CA VAL B 46 -10.89 2.42 -24.32
C VAL B 46 -9.54 3.09 -24.57
N ALA B 47 -9.53 4.42 -24.44
CA ALA B 47 -8.31 5.20 -24.54
C ALA B 47 -7.53 5.14 -23.23
N SER B 48 -6.21 5.17 -23.32
CA SER B 48 -5.35 5.20 -22.14
C SER B 48 -4.18 6.14 -22.35
N ASN B 49 -4.07 7.15 -21.50
CA ASN B 49 -3.04 8.18 -21.65
C ASN B 49 -1.82 7.93 -20.78
N GLY B 50 -0.65 8.24 -21.34
CA GLY B 50 0.60 8.24 -20.60
C GLY B 50 1.36 9.50 -20.96
N LEU B 51 2.59 9.61 -20.48
CA LEU B 51 3.39 10.80 -20.75
C LEU B 51 4.75 10.49 -21.35
N ILE B 52 5.23 11.40 -22.20
CA ILE B 52 6.58 11.34 -22.73
C ILE B 52 7.30 12.66 -22.43
N VAL B 53 8.42 12.58 -21.72
CA VAL B 53 9.14 13.77 -21.31
C VAL B 53 10.58 13.79 -21.80
N ARG B 54 10.94 14.83 -22.55
CA ARG B 54 12.32 15.05 -22.91
C ARG B 54 13.05 15.76 -21.79
N ASP B 55 14.02 15.09 -21.19
CA ASP B 55 14.84 15.69 -20.14
C ASP B 55 16.24 15.94 -20.65
N GLY B 56 16.44 17.06 -21.33
CA GLY B 56 17.73 17.37 -21.92
C GLY B 56 18.03 16.47 -23.10
N GLY B 57 19.10 15.68 -22.99
CA GLY B 57 19.51 14.80 -24.07
C GLY B 57 19.00 13.38 -23.91
N ARG B 58 17.88 13.23 -23.20
CA ARG B 58 17.28 11.92 -22.98
C ARG B 58 15.76 12.03 -22.87
N VAL B 59 15.07 10.89 -22.95
CA VAL B 59 13.62 10.86 -22.90
C VAL B 59 13.14 10.02 -21.71
N LEU B 60 12.10 10.50 -21.03
CA LEU B 60 11.49 9.77 -19.93
C LEU B 60 10.05 9.41 -20.27
N VAL B 61 9.64 8.18 -19.94
CA VAL B 61 8.29 7.72 -20.25
C VAL B 61 7.49 7.40 -18.98
N VAL B 62 6.26 7.90 -18.92
CA VAL B 62 5.36 7.54 -17.84
C VAL B 62 4.24 6.66 -18.37
N ASP B 63 4.16 5.44 -17.86
CA ASP B 63 3.14 4.47 -18.26
C ASP B 63 3.33 3.93 -19.68
N THR B 64 3.18 2.62 -19.84
CA THR B 64 3.23 2.00 -21.17
C THR B 64 1.88 2.10 -21.84
N ALA B 65 1.71 1.35 -22.92
CA ALA B 65 0.42 1.22 -23.56
C ALA B 65 -0.21 -0.10 -23.13
N TRP B 66 -1.37 -0.43 -23.70
CA TRP B 66 -2.06 -1.68 -23.35
C TRP B 66 -1.22 -2.90 -23.68
N THR B 67 -0.55 -2.88 -24.83
CA THR B 67 0.18 -4.04 -25.32
C THR B 67 1.65 -3.73 -25.63
N ASP B 68 2.44 -4.79 -25.79
CA ASP B 68 3.85 -4.64 -26.14
C ASP B 68 4.03 -3.93 -27.48
N ASP B 69 3.21 -4.31 -28.46
CA ASP B 69 3.28 -3.72 -29.80
C ASP B 69 3.00 -2.22 -29.76
N GLN B 70 1.91 -1.85 -29.10
CA GLN B 70 1.56 -0.43 -28.95
C GLN B 70 2.67 0.34 -28.24
N THR B 71 3.28 -0.30 -27.24
CA THR B 71 4.39 0.29 -26.50
C THR B 71 5.62 0.43 -27.40
N ALA B 72 5.78 -0.53 -28.31
CA ALA B 72 6.88 -0.49 -29.26
C ALA B 72 6.69 0.63 -30.27
N GLN B 73 5.45 0.95 -30.58
CA GLN B 73 5.13 2.03 -31.50
C GLN B 73 5.42 3.38 -30.85
N ILE B 74 5.21 3.46 -29.54
CA ILE B 74 5.57 4.65 -28.78
C ILE B 74 7.07 4.90 -28.88
N LEU B 75 7.84 3.83 -28.70
CA LEU B 75 9.30 3.90 -28.81
C LEU B 75 9.72 4.27 -30.22
N ASN B 76 8.96 3.81 -31.21
CA ASN B 76 9.21 4.16 -32.60
C ASN B 76 8.92 5.63 -32.87
N TRP B 77 7.85 6.13 -32.25
CA TRP B 77 7.48 7.53 -32.37
C TRP B 77 8.56 8.43 -31.77
N ILE B 78 9.01 8.08 -30.57
CA ILE B 78 10.09 8.81 -29.89
C ILE B 78 11.35 8.85 -30.75
N LYS B 79 11.71 7.68 -31.28
CA LYS B 79 12.89 7.53 -32.12
C LYS B 79 12.82 8.41 -33.37
N GLN B 80 11.61 8.54 -33.91
CA GLN B 80 11.42 9.24 -35.17
C GLN B 80 11.21 10.74 -34.98
N GLU B 81 10.50 11.12 -33.92
CA GLU B 81 10.10 12.51 -33.72
C GLU B 81 11.08 13.29 -32.82
N ILE B 82 11.66 12.62 -31.85
CA ILE B 82 12.58 13.27 -30.91
C ILE B 82 14.00 12.76 -31.12
N ASN B 83 14.12 11.46 -31.37
CA ASN B 83 15.40 10.80 -31.58
C ASN B 83 16.39 11.03 -30.44
N LEU B 84 15.99 10.65 -29.24
CA LEU B 84 16.87 10.66 -28.07
C LEU B 84 16.68 9.36 -27.31
N PRO B 85 17.76 8.84 -26.69
CA PRO B 85 17.65 7.58 -25.95
C PRO B 85 16.66 7.66 -24.81
N VAL B 86 15.88 6.60 -24.62
CA VAL B 86 14.94 6.54 -23.51
C VAL B 86 15.66 6.01 -22.27
N ALA B 87 15.96 6.91 -21.34
CA ALA B 87 16.72 6.56 -20.15
C ALA B 87 15.95 5.62 -19.23
N LEU B 88 14.70 5.98 -18.93
CA LEU B 88 13.91 5.19 -18.01
C LEU B 88 12.41 5.32 -18.28
N ALA B 89 11.64 4.43 -17.66
CA ALA B 89 10.20 4.50 -17.69
C ALA B 89 9.63 4.21 -16.31
N VAL B 90 8.63 4.99 -15.91
CA VAL B 90 7.94 4.76 -14.65
C VAL B 90 6.47 4.46 -14.92
N VAL B 91 5.97 3.38 -14.34
CA VAL B 91 4.58 3.00 -14.49
C VAL B 91 3.83 3.25 -13.18
N THR B 92 2.55 3.60 -13.27
CA THR B 92 1.85 4.20 -12.14
C THR B 92 1.01 3.23 -11.30
N HIS B 93 0.61 2.09 -11.86
CA HIS B 93 0.05 0.99 -11.06
C HIS B 93 -0.09 -0.30 -11.86
N ALA B 94 -0.41 -1.38 -11.17
CA ALA B 94 -0.40 -2.72 -11.76
C ALA B 94 -1.69 -3.06 -12.52
N HIS B 95 -1.95 -2.32 -13.59
CA HIS B 95 -3.04 -2.65 -14.50
C HIS B 95 -2.52 -2.68 -15.93
N GLN B 96 -3.26 -3.32 -16.83
CA GLN B 96 -2.79 -3.55 -18.19
C GLN B 96 -2.55 -2.27 -18.98
N ASP B 97 -3.35 -1.24 -18.70
CA ASP B 97 -3.21 0.02 -19.43
C ASP B 97 -1.95 0.77 -19.02
N LYS B 98 -1.35 0.36 -17.90
CA LYS B 98 -0.17 1.03 -17.39
C LYS B 98 1.07 0.15 -17.52
N MET B 99 0.90 -1.15 -17.37
CA MET B 99 2.04 -2.07 -17.36
C MET B 99 1.91 -3.20 -18.39
N GLY B 100 1.10 -2.98 -19.41
CA GLY B 100 0.88 -4.00 -20.41
C GLY B 100 2.03 -4.17 -21.40
N GLY B 101 2.91 -3.17 -21.44
CA GLY B 101 3.99 -3.18 -22.40
C GLY B 101 5.38 -3.23 -21.78
N MET B 102 5.49 -3.87 -20.63
CA MET B 102 6.76 -3.96 -19.91
C MET B 102 7.81 -4.74 -20.70
N ASP B 103 7.37 -5.80 -21.38
CA ASP B 103 8.27 -6.63 -22.18
C ASP B 103 8.93 -5.83 -23.30
N ALA B 104 8.16 -4.94 -23.93
CA ALA B 104 8.67 -4.09 -24.99
C ALA B 104 9.75 -3.15 -24.47
N LEU B 105 9.52 -2.58 -23.29
CA LEU B 105 10.49 -1.70 -22.66
C LEU B 105 11.79 -2.43 -22.34
N HIS B 106 11.66 -3.59 -21.72
CA HIS B 106 12.83 -4.38 -21.33
C HIS B 106 13.59 -4.90 -22.55
N ALA B 107 12.86 -5.16 -23.62
CA ALA B 107 13.48 -5.58 -24.87
C ALA B 107 14.30 -4.43 -25.46
N ALA B 108 13.88 -3.20 -25.17
CA ALA B 108 14.56 -2.02 -25.68
C ALA B 108 15.70 -1.59 -24.77
N GLY B 109 15.87 -2.30 -23.66
CA GLY B 109 16.95 -2.01 -22.72
C GLY B 109 16.63 -0.84 -21.80
N ILE B 110 15.36 -0.46 -21.78
CA ILE B 110 14.92 0.66 -20.97
C ILE B 110 14.70 0.25 -19.51
N ALA B 111 15.36 0.96 -18.59
CA ALA B 111 15.19 0.69 -17.16
C ALA B 111 13.80 1.09 -16.70
N THR B 112 13.13 0.18 -15.99
CA THR B 112 11.75 0.42 -15.58
C THR B 112 11.61 0.56 -14.07
N TYR B 113 10.72 1.45 -13.65
CA TYR B 113 10.47 1.71 -12.24
C TYR B 113 8.98 1.65 -11.92
N ALA B 114 8.66 1.15 -10.73
CA ALA B 114 7.29 1.11 -10.27
C ALA B 114 7.26 1.12 -8.75
N ASN B 115 6.13 1.54 -8.18
CA ASN B 115 5.90 1.41 -6.74
C ASN B 115 6.17 -0.03 -6.33
N ALA B 116 6.87 -0.20 -5.21
CA ALA B 116 7.22 -1.54 -4.72
C ALA B 116 5.97 -2.39 -4.56
N LEU B 117 4.88 -1.74 -4.21
CA LEU B 117 3.59 -2.41 -4.08
C LEU B 117 3.06 -2.87 -5.44
N SER B 118 3.39 -2.11 -6.49
CA SER B 118 2.95 -2.47 -7.84
C SER B 118 3.66 -3.72 -8.33
N ASN B 119 4.95 -3.83 -8.02
CA ASN B 119 5.73 -5.00 -8.39
C ASN B 119 5.28 -6.25 -7.65
N GLN B 120 4.86 -6.08 -6.41
CA GLN B 120 4.37 -7.19 -5.59
C GLN B 120 3.04 -7.71 -6.10
N LEU B 121 2.18 -6.78 -6.53
CA LEU B 121 0.84 -7.13 -7.00
C LEU B 121 0.84 -7.59 -8.46
N ALA B 122 1.87 -7.20 -9.20
CA ALA B 122 1.94 -7.44 -10.65
C ALA B 122 1.66 -8.89 -11.08
N PRO B 123 2.24 -9.90 -10.41
CA PRO B 123 1.92 -11.26 -10.83
C PRO B 123 0.44 -11.61 -10.66
N GLN B 124 -0.17 -11.10 -9.60
CA GLN B 124 -1.59 -11.34 -9.33
C GLN B 124 -2.47 -10.59 -10.33
N GLU B 125 -1.90 -9.55 -10.92
CA GLU B 125 -2.63 -8.73 -11.89
C GLU B 125 -2.33 -9.17 -13.33
N GLY B 126 -1.52 -10.22 -13.46
CA GLY B 126 -1.13 -10.74 -14.76
C GLY B 126 -0.15 -9.83 -15.46
N MET B 127 0.53 -8.99 -14.68
CA MET B 127 1.48 -8.03 -15.24
C MET B 127 2.93 -8.47 -15.04
N VAL B 128 3.80 -8.03 -15.94
CA VAL B 128 5.23 -8.18 -15.73
C VAL B 128 5.71 -7.04 -14.84
N ALA B 129 6.40 -7.39 -13.76
CA ALA B 129 6.86 -6.39 -12.80
C ALA B 129 8.00 -5.55 -13.37
N ALA B 130 8.19 -4.36 -12.80
CA ALA B 130 9.28 -3.49 -13.20
C ALA B 130 10.59 -4.00 -12.62
N GLN B 131 11.70 -3.55 -13.17
CA GLN B 131 13.01 -4.00 -12.73
C GLN B 131 13.38 -3.43 -11.37
N HIS B 132 12.97 -2.20 -11.11
CA HIS B 132 13.30 -1.54 -9.85
C HIS B 132 12.04 -1.11 -9.11
N SER B 133 12.13 -1.07 -7.79
CA SER B 133 11.00 -0.71 -6.95
C SER B 133 11.17 0.66 -6.31
N LEU B 134 10.10 1.44 -6.32
CA LEU B 134 10.08 2.72 -5.64
C LEU B 134 9.48 2.56 -4.24
N THR B 135 10.14 3.14 -3.25
CA THR B 135 9.59 3.19 -1.90
C THR B 135 9.24 4.62 -1.54
N PHE B 136 8.29 4.79 -0.62
CA PHE B 136 7.79 6.13 -0.32
C PHE B 136 7.81 6.42 1.17
N ALA B 137 8.13 7.68 1.50
CA ALA B 137 8.10 8.13 2.89
C ALA B 137 6.66 8.25 3.37
N ALA B 138 6.49 8.50 4.65
CA ALA B 138 5.15 8.59 5.24
C ALA B 138 4.37 9.78 4.69
N ASN B 139 5.09 10.81 4.24
CA ASN B 139 4.44 12.01 3.71
C ASN B 139 3.99 11.81 2.25
N GLY B 140 4.31 10.67 1.67
CA GLY B 140 3.85 10.33 0.35
C GLY B 140 4.87 10.49 -0.75
N TRP B 141 5.95 11.23 -0.47
CA TRP B 141 6.98 11.48 -1.46
C TRP B 141 7.92 10.29 -1.60
N VAL B 142 8.46 10.10 -2.81
CA VAL B 142 9.33 8.98 -3.10
C VAL B 142 10.69 9.16 -2.41
N GLU B 143 11.26 8.05 -1.95
CA GLU B 143 12.61 8.06 -1.43
C GLU B 143 13.58 8.27 -2.59
N PRO B 144 14.33 9.39 -2.58
CA PRO B 144 15.21 9.82 -3.66
C PRO B 144 16.22 8.75 -4.09
N ALA B 145 16.65 7.92 -3.14
CA ALA B 145 17.63 6.89 -3.42
C ALA B 145 17.05 5.78 -4.30
N THR B 146 15.72 5.67 -4.31
CA THR B 146 15.06 4.62 -5.07
C THR B 146 14.62 5.12 -6.45
N ALA B 147 14.69 6.43 -6.64
CA ALA B 147 14.35 7.03 -7.93
C ALA B 147 15.51 7.87 -8.47
N PRO B 148 16.60 7.19 -8.89
CA PRO B 148 17.81 7.90 -9.32
C PRO B 148 17.66 8.52 -10.71
N ASN B 149 18.12 9.77 -10.84
CA ASN B 149 18.12 10.48 -12.12
C ASN B 149 16.74 10.55 -12.76
N PHE B 150 15.74 10.92 -11.97
CA PHE B 150 14.38 11.08 -12.48
C PHE B 150 14.16 12.46 -13.06
N GLY B 151 15.17 13.31 -12.93
CA GLY B 151 15.13 14.66 -13.48
C GLY B 151 13.97 15.48 -12.96
N PRO B 152 13.07 15.90 -13.86
CA PRO B 152 11.92 16.73 -13.54
C PRO B 152 10.75 15.92 -12.97
N LEU B 153 10.86 14.59 -13.01
CA LEU B 153 9.79 13.72 -12.52
C LEU B 153 9.73 13.71 -10.99
N LYS B 154 8.65 14.27 -10.46
CA LYS B 154 8.42 14.27 -9.02
C LYS B 154 7.35 13.25 -8.66
N VAL B 155 7.77 12.07 -8.23
CA VAL B 155 6.85 10.97 -7.93
C VAL B 155 6.28 11.08 -6.52
N PHE B 156 4.96 10.93 -6.41
CA PHE B 156 4.27 11.08 -5.14
C PHE B 156 3.16 10.03 -4.98
N TYR B 157 3.21 9.27 -3.89
CA TYR B 157 2.16 8.31 -3.58
C TYR B 157 1.11 8.92 -2.66
N PRO B 158 -0.11 9.13 -3.20
CA PRO B 158 -1.18 9.83 -2.49
C PRO B 158 -1.97 8.94 -1.53
N GLY B 159 -1.71 7.65 -1.56
CA GLY B 159 -2.47 6.70 -0.77
C GLY B 159 -3.39 5.88 -1.65
N PRO B 160 -4.07 4.88 -1.06
CA PRO B 160 -4.98 4.01 -1.81
C PRO B 160 -6.13 4.79 -2.44
N GLY B 161 -6.41 4.52 -3.71
CA GLY B 161 -7.48 5.19 -4.42
C GLY B 161 -8.09 4.33 -5.49
N HIS B 162 -7.71 4.58 -6.74
CA HIS B 162 -8.12 3.74 -7.86
C HIS B 162 -7.62 2.32 -7.62
N THR B 163 -6.38 2.23 -7.15
CA THR B 163 -5.82 0.98 -6.63
C THR B 163 -5.07 1.31 -5.34
N SER B 164 -4.50 0.30 -4.71
CA SER B 164 -3.77 0.49 -3.46
C SER B 164 -2.36 1.03 -3.71
N ASP B 165 -1.89 0.88 -4.95
CA ASP B 165 -0.51 1.18 -5.29
C ASP B 165 -0.36 2.38 -6.23
N ASN B 166 -1.47 3.03 -6.54
CA ASN B 166 -1.46 4.12 -7.52
C ASN B 166 -0.54 5.28 -7.13
N ILE B 167 0.37 5.62 -8.04
CA ILE B 167 1.29 6.72 -7.81
C ILE B 167 1.11 7.81 -8.87
N THR B 168 1.62 9.01 -8.57
CA THR B 168 1.43 10.16 -9.42
C THR B 168 2.75 10.86 -9.73
N VAL B 169 2.79 11.59 -10.83
CA VAL B 169 4.01 12.29 -11.23
C VAL B 169 3.74 13.76 -11.55
N GLY B 170 4.56 14.64 -10.97
CA GLY B 170 4.57 16.04 -11.36
C GLY B 170 5.80 16.29 -12.20
N ILE B 171 5.78 17.35 -13.01
CA ILE B 171 6.90 17.63 -13.90
C ILE B 171 7.46 19.03 -13.69
N ASP B 172 8.69 19.11 -13.20
CA ASP B 172 9.38 20.37 -12.98
C ASP B 172 9.48 21.20 -14.25
N GLY B 173 9.44 22.52 -14.09
CA GLY B 173 9.56 23.42 -15.22
C GLY B 173 8.30 23.53 -16.05
N THR B 174 7.28 22.76 -15.70
CA THR B 174 6.00 22.79 -16.39
C THR B 174 4.87 23.01 -15.40
N ASP B 175 3.65 23.16 -15.90
CA ASP B 175 2.47 23.30 -15.07
C ASP B 175 1.65 22.02 -15.11
N ILE B 176 2.34 20.89 -15.28
CA ILE B 176 1.68 19.62 -15.53
C ILE B 176 1.87 18.61 -14.39
N ALA B 177 0.78 17.99 -13.97
CA ALA B 177 0.82 16.88 -13.03
C ALA B 177 0.02 15.71 -13.60
N PHE B 178 0.52 14.49 -13.39
CA PHE B 178 -0.14 13.30 -13.91
C PHE B 178 -0.75 12.48 -12.79
N GLY B 179 -2.07 12.36 -12.80
CA GLY B 179 -2.78 11.68 -11.74
C GLY B 179 -3.09 10.22 -12.04
N GLY B 180 -2.77 9.78 -13.24
CA GLY B 180 -3.06 8.42 -13.66
C GLY B 180 -4.53 8.12 -13.64
N CYS B 181 -4.89 6.92 -13.19
CA CYS B 181 -6.29 6.50 -13.14
C CYS B 181 -6.98 6.99 -11.86
N LEU B 182 -6.23 7.69 -11.01
CA LEU B 182 -6.79 8.21 -9.77
C LEU B 182 -7.72 9.38 -10.03
N ILE B 183 -7.33 10.24 -10.97
CA ILE B 183 -8.11 11.43 -11.26
C ILE B 183 -8.97 11.28 -12.50
N LYS B 184 -10.24 11.66 -12.38
CA LYS B 184 -11.16 11.69 -13.52
C LYS B 184 -11.44 13.14 -13.88
N ASP B 185 -11.90 13.37 -15.11
CA ASP B 185 -12.15 14.72 -15.58
C ASP B 185 -13.34 15.35 -14.87
N SER B 186 -13.45 16.67 -14.97
CA SER B 186 -14.45 17.42 -14.20
C SER B 186 -15.89 17.19 -14.64
N LYS B 187 -16.07 16.46 -15.74
CA LYS B 187 -17.41 16.18 -16.25
C LYS B 187 -17.78 14.71 -16.12
N ALA B 188 -16.90 13.93 -15.50
CA ALA B 188 -17.13 12.50 -15.31
C ALA B 188 -18.33 12.25 -14.40
N LYS B 189 -19.04 11.16 -14.66
CA LYS B 189 -20.22 10.83 -13.87
C LYS B 189 -19.99 9.65 -12.93
N SER B 190 -18.86 8.96 -13.12
CA SER B 190 -18.47 7.88 -12.21
C SER B 190 -16.96 7.79 -12.12
N LEU B 191 -16.47 7.08 -11.11
CA LEU B 191 -15.04 6.94 -10.90
C LEU B 191 -14.45 5.77 -11.69
N GLY B 192 -15.21 5.30 -12.69
CA GLY B 192 -14.74 4.26 -13.59
C GLY B 192 -14.62 2.89 -12.94
N ASN B 193 -13.52 2.22 -13.21
CA ASN B 193 -13.28 0.88 -12.69
C ASN B 193 -12.91 0.91 -11.22
N LEU B 194 -13.80 0.39 -10.37
CA LEU B 194 -13.60 0.42 -8.92
C LEU B 194 -13.33 -0.97 -8.36
N GLY B 195 -12.86 -1.87 -9.21
CA GLY B 195 -12.59 -3.25 -8.80
C GLY B 195 -11.54 -3.37 -7.73
N ASP B 196 -10.42 -2.67 -7.91
CA ASP B 196 -9.32 -2.70 -6.94
C ASP B 196 -9.25 -1.41 -6.15
N ALA B 197 -10.35 -0.66 -6.12
CA ALA B 197 -10.38 0.66 -5.51
C ALA B 197 -10.58 0.62 -4.00
N ASP B 198 -9.90 1.52 -3.31
CA ASP B 198 -10.13 1.74 -1.89
C ASP B 198 -11.10 2.90 -1.75
N THR B 199 -12.37 2.58 -1.53
CA THR B 199 -13.43 3.57 -1.49
C THR B 199 -13.39 4.42 -0.22
N GLU B 200 -12.66 3.96 0.78
CA GLU B 200 -12.58 4.66 2.05
C GLU B 200 -11.56 5.79 2.02
N HIS B 201 -10.46 5.58 1.30
CA HIS B 201 -9.35 6.53 1.30
C HIS B 201 -9.16 7.26 -0.04
N TYR B 202 -10.02 6.99 -1.00
CA TYR B 202 -9.93 7.57 -2.33
C TYR B 202 -9.94 9.07 -2.30
N ALA B 203 -10.96 9.61 -1.69
CA ALA B 203 -11.16 11.06 -1.63
C ALA B 203 -9.95 11.78 -1.04
N ALA B 204 -9.43 11.26 0.06
CA ALA B 204 -8.26 11.82 0.72
C ALA B 204 -7.04 11.77 -0.20
N SER B 205 -6.89 10.66 -0.91
CA SER B 205 -5.77 10.46 -1.82
C SER B 205 -5.83 11.43 -3.00
N ALA B 206 -7.02 11.64 -3.53
CA ALA B 206 -7.21 12.58 -4.63
C ALA B 206 -6.86 14.00 -4.19
N ARG B 207 -7.22 14.34 -2.96
CA ARG B 207 -6.91 15.65 -2.41
C ARG B 207 -5.44 15.75 -2.02
N ALA B 208 -4.85 14.61 -1.65
CA ALA B 208 -3.42 14.57 -1.35
C ALA B 208 -2.62 14.85 -2.62
N PHE B 209 -3.15 14.42 -3.75
CA PHE B 209 -2.53 14.63 -5.04
C PHE B 209 -2.51 16.11 -5.41
N GLY B 210 -3.61 16.79 -5.15
CA GLY B 210 -3.73 18.20 -5.45
C GLY B 210 -2.84 19.05 -4.56
N ALA B 211 -2.71 18.64 -3.30
CA ALA B 211 -1.90 19.37 -2.33
C ALA B 211 -0.41 19.12 -2.57
N ALA B 212 -0.10 17.98 -3.17
CA ALA B 212 1.29 17.63 -3.45
C ALA B 212 1.83 18.41 -4.63
N PHE B 213 0.95 18.76 -5.56
CA PHE B 213 1.33 19.57 -6.71
C PHE B 213 0.43 20.80 -6.84
N PRO B 214 0.55 21.74 -5.87
CA PRO B 214 -0.37 22.88 -5.80
C PRO B 214 -0.24 23.85 -6.96
N LYS B 215 0.94 23.90 -7.58
CA LYS B 215 1.18 24.86 -8.67
C LYS B 215 0.95 24.24 -10.05
N ALA B 216 0.30 23.08 -10.07
CA ALA B 216 -0.03 22.44 -11.34
C ALA B 216 -1.41 22.87 -11.82
N SER B 217 -1.47 23.45 -13.01
CA SER B 217 -2.72 23.97 -13.55
C SER B 217 -3.29 23.05 -14.62
N MET B 218 -2.44 22.20 -15.19
CA MET B 218 -2.90 21.22 -16.17
C MET B 218 -2.81 19.81 -15.61
N ILE B 219 -3.96 19.20 -15.37
CA ILE B 219 -4.00 17.84 -14.83
C ILE B 219 -4.20 16.82 -15.94
N VAL B 220 -3.20 15.96 -16.13
CA VAL B 220 -3.28 14.90 -17.12
C VAL B 220 -3.72 13.60 -16.45
N MET B 221 -4.64 12.89 -17.09
CA MET B 221 -5.16 11.64 -16.53
C MET B 221 -5.24 10.55 -17.59
N SER B 222 -5.58 9.33 -17.16
CA SER B 222 -5.51 8.16 -18.02
C SER B 222 -6.57 8.12 -19.11
N HIS B 223 -7.82 8.42 -18.75
CA HIS B 223 -8.93 8.20 -19.66
C HIS B 223 -9.72 9.47 -19.98
N SER B 224 -9.02 10.60 -20.06
CA SER B 224 -9.65 11.86 -20.43
C SER B 224 -8.63 12.83 -21.00
N ALA B 225 -9.12 13.83 -21.71
CA ALA B 225 -8.27 14.92 -22.15
C ALA B 225 -7.77 15.69 -20.92
N PRO B 226 -6.59 16.33 -21.03
CA PRO B 226 -6.08 17.16 -19.94
C PRO B 226 -7.12 18.17 -19.46
N ASP B 227 -7.18 18.39 -18.15
CA ASP B 227 -8.19 19.25 -17.57
C ASP B 227 -7.56 20.22 -16.57
N SER B 228 -8.38 21.12 -16.01
CA SER B 228 -7.91 22.01 -14.98
C SER B 228 -7.93 21.30 -13.64
N ARG B 229 -7.63 22.02 -12.56
CA ARG B 229 -7.64 21.44 -11.22
C ARG B 229 -9.05 21.06 -10.79
N ALA B 230 -10.04 21.49 -11.56
CA ALA B 230 -11.43 21.13 -11.31
C ALA B 230 -11.61 19.62 -11.32
N ALA B 231 -10.80 18.95 -12.15
CA ALA B 231 -10.79 17.49 -12.22
C ALA B 231 -10.46 16.87 -10.87
N ILE B 232 -9.56 17.50 -10.12
CA ILE B 232 -9.17 17.01 -8.81
C ILE B 232 -10.33 17.10 -7.81
N THR B 233 -10.87 18.29 -7.64
CA THR B 233 -11.94 18.53 -6.68
C THR B 233 -13.20 17.75 -7.03
N HIS B 234 -13.52 17.69 -8.32
CA HIS B 234 -14.66 16.92 -8.79
C HIS B 234 -14.48 15.44 -8.48
N THR B 235 -13.24 14.97 -8.57
CA THR B 235 -12.93 13.57 -8.34
C THR B 235 -13.08 13.21 -6.86
N ALA B 236 -12.58 14.10 -6.00
CA ALA B 236 -12.67 13.88 -4.56
C ALA B 236 -14.12 13.91 -4.10
N ARG B 237 -14.93 14.75 -4.74
CA ARG B 237 -16.33 14.89 -4.39
C ARG B 237 -17.11 13.62 -4.74
N MET B 238 -16.86 13.08 -5.93
CA MET B 238 -17.47 11.82 -6.35
C MET B 238 -17.04 10.68 -5.41
N ALA B 239 -15.81 10.77 -4.94
CA ALA B 239 -15.26 9.78 -4.03
C ALA B 239 -15.94 9.83 -2.68
N ASP B 240 -16.31 11.05 -2.25
CA ASP B 240 -17.00 11.24 -1.00
C ASP B 240 -18.38 10.57 -1.03
N LYS B 241 -19.09 10.75 -2.15
CA LYS B 241 -20.37 10.10 -2.37
C LYS B 241 -20.26 8.59 -2.18
N LEU B 242 -19.29 8.00 -2.87
CA LEU B 242 -19.07 6.56 -2.86
C LEU B 242 -18.79 6.04 -1.45
N ARG B 243 -18.02 6.80 -0.69
CA ARG B 243 -17.65 6.43 0.68
C ARG B 243 -18.88 6.43 1.59
N LEU B 244 -19.74 7.43 1.44
CA LEU B 244 -20.92 7.56 2.27
C LEU B 244 -21.94 6.46 2.00
N GLU B 245 -22.00 6.01 0.74
CA GLU B 245 -22.88 4.94 0.28
C GLU B 245 -24.27 4.93 0.94
ZN ZN C . -7.96 -3.50 11.85
ZN ZN D . -9.27 -4.96 14.25
C01 WJZ E . -13.38 -6.62 13.62
N01 WJZ E . -11.62 -3.81 15.31
O01 WJZ E . -11.04 -0.52 14.23
S01 WJZ E . -10.76 -6.46 13.06
C02 WJZ E . -12.22 -5.65 13.64
O02 WJZ E . -10.03 -1.69 15.78
C03 WJZ E . -12.01 -5.16 15.06
O03 WJZ E . -12.16 -5.92 15.99
C04 WJZ E . -11.43 -2.90 14.23
C05 WJZ E . -10.80 -1.63 14.78
ZN ZN F . -6.11 0.98 -13.35
ZN ZN G . -7.35 1.91 -15.83
C01 WJZ H . -10.57 -1.65 -17.50
N01 WJZ H . -10.38 1.68 -16.30
O01 WJZ H . -9.51 3.86 -14.71
S01 WJZ H . -8.47 -0.41 -16.39
C02 WJZ H . -9.74 -0.38 -17.61
O02 WJZ H . -11.53 3.76 -13.88
C03 WJZ H . -10.63 0.82 -17.39
O03 WJZ H . -11.54 1.05 -18.16
C04 WJZ H . -11.19 2.81 -16.07
C05 WJZ H . -10.72 3.51 -14.82
#